data_3R1C
#
_entry.id   3R1C
#
_cell.length_a   39.697
_cell.length_b   76.891
_cell.length_c   85.398
_cell.angle_alpha   89.98
_cell.angle_beta   88.61
_cell.angle_gamma   77.29
#
_symmetry.space_group_name_H-M   'P 1'
#
loop_
_entity.id
_entity.type
_entity.pdbx_description
1 polymer "RNA (5'-R(*GP*CP*GP*GP*CP*GP*GP*C)-3')"
2 non-polymer 'SULFATE ION'
3 water water
#
_entity_poly.entity_id   1
_entity_poly.type   'polyribonucleotide'
_entity_poly.pdbx_seq_one_letter_code
;GCGGCGGC
;
_entity_poly.pdbx_strand_id   A,B,C,D,E,F,G,H,I,J,K,L,M,N,O,P,Q,R,S,Y,T,U,W,X,V,Z,a,b,c,d,e,f,g,h,i,j
#
loop_
_chem_comp.id
_chem_comp.type
_chem_comp.name
_chem_comp.formula
C RNA linking CYTIDINE-5'-MONOPHOSPHATE 'C9 H14 N3 O8 P'
G RNA linking GUANOSINE-5'-MONOPHOSPHATE 'C10 H14 N5 O8 P'
SO4 non-polymer 'SULFATE ION' 'O4 S -2'
#
# COMPACT_ATOMS: atom_id res chain seq x y z
S SO4 KA . 13.94 31.37 0.37
O1 SO4 KA . 12.48 31.26 0.44
O2 SO4 KA . 14.40 30.71 -0.84
O3 SO4 KA . 14.33 32.77 0.35
O4 SO4 KA . 14.54 30.73 1.54
S SO4 LA . -5.87 9.65 6.81
O1 SO4 LA . -7.01 8.98 6.17
O2 SO4 LA . -4.94 10.10 5.76
O3 SO4 LA . -6.30 10.79 7.60
O4 SO4 LA . -5.19 8.70 7.68
S SO4 MA . -6.65 7.94 15.08
O1 SO4 MA . -7.79 7.03 15.05
O2 SO4 MA . -6.84 9.00 14.08
O3 SO4 MA . -6.55 8.55 16.41
O4 SO4 MA . -5.42 7.21 14.78
S SO4 NA . 5.47 -13.89 7.95
O1 SO4 NA . 4.20 -14.62 7.86
O2 SO4 NA . 6.09 -13.84 6.62
O3 SO4 NA . 5.22 -12.54 8.42
O4 SO4 NA . 6.35 -14.58 8.89
S SO4 OA . 11.28 -20.79 -11.11
O1 SO4 OA . 10.95 -21.11 -9.72
O2 SO4 OA . 12.24 -21.74 -11.64
O3 SO4 OA . 10.07 -20.85 -11.92
O4 SO4 OA . 11.84 -19.43 -11.17
S SO4 PA . 10.07 -22.36 -3.64
O1 SO4 PA . 8.92 -23.22 -3.95
O2 SO4 PA . 10.23 -21.38 -4.71
O3 SO4 PA . 9.82 -21.67 -2.37
O4 SO4 PA . 11.29 -23.16 -3.52
S SO4 QA . -28.23 8.08 -15.46
O1 SO4 QA . -29.67 8.13 -15.74
O2 SO4 QA . -27.48 8.46 -16.66
O3 SO4 QA . -27.93 8.99 -14.36
O4 SO4 QA . -27.85 6.72 -15.07
#